data_4WWM
#
_entry.id   4WWM
#
_cell.length_a   31.494
_cell.length_b   65.192
_cell.length_c   109.358
_cell.angle_alpha   90.00
_cell.angle_beta   90.00
_cell.angle_gamma   90.00
#
_symmetry.space_group_name_H-M   'P 21 21 21'
#
loop_
_entity.id
_entity.type
_entity.pdbx_description
1 polymer 'Uncharacterized protein'
2 non-polymer 'SULFATE ION'
3 water water
#
_entity_poly.entity_id   1
_entity_poly.type   'polypeptide(L)'
_entity_poly.pdbx_seq_one_letter_code
;MPKVILKGPLISQFNFREIYVNDRELLRVLVKIDSKKHLILNESNQLKSGILILINGKDWRLYRNQLLNDNDIIEIIPIN
HGGLEHHHHHH
;
_entity_poly.pdbx_strand_id   A,B
#
# COMPACT_ATOMS: atom_id res chain seq x y z
N PRO A 2 -1.84 -10.18 -2.61
CA PRO A 2 -0.53 -10.84 -2.59
C PRO A 2 -0.50 -12.10 -1.73
N LYS A 3 0.49 -12.94 -1.99
CA LYS A 3 0.69 -14.19 -1.29
C LYS A 3 1.76 -14.02 -0.22
N VAL A 4 1.44 -14.41 1.01
CA VAL A 4 2.39 -14.37 2.12
C VAL A 4 2.87 -15.77 2.45
N ILE A 5 4.19 -15.95 2.49
CA ILE A 5 4.80 -17.22 2.86
C ILE A 5 5.61 -17.05 4.14
N LEU A 6 5.31 -17.88 5.14
CA LEU A 6 6.06 -17.86 6.40
C LEU A 6 7.19 -18.88 6.35
N LYS A 7 8.31 -18.54 6.98
CA LYS A 7 9.47 -19.42 7.04
C LYS A 7 9.90 -19.67 8.47
N GLY A 8 10.61 -20.78 8.70
CA GLY A 8 11.17 -21.08 9.99
C GLY A 8 10.12 -21.25 11.08
N PRO A 9 10.47 -20.85 12.32
CA PRO A 9 9.56 -21.01 13.45
C PRO A 9 8.23 -20.27 13.30
N LEU A 10 8.17 -19.26 12.45
CA LEU A 10 6.95 -18.50 12.26
C LEU A 10 5.80 -19.39 11.80
N ILE A 11 6.14 -20.44 11.05
CA ILE A 11 5.14 -21.37 10.55
C ILE A 11 4.36 -22.01 11.70
N SER A 12 5.07 -22.55 12.69
CA SER A 12 4.40 -23.18 13.82
C SER A 12 3.78 -22.13 14.74
N GLN A 13 4.42 -20.96 14.85
CA GLN A 13 3.93 -19.92 15.73
C GLN A 13 2.61 -19.31 15.25
N PHE A 14 2.46 -19.19 13.93
CA PHE A 14 1.23 -18.69 13.35
C PHE A 14 0.23 -19.81 13.05
N ASN A 15 0.75 -21.03 12.92
CA ASN A 15 -0.05 -22.23 12.63
C ASN A 15 -0.55 -22.29 11.19
N PHE A 16 0.17 -21.64 10.29
CA PHE A 16 -0.04 -21.83 8.85
C PHE A 16 1.26 -21.50 8.13
N ARG A 17 1.34 -21.86 6.84
CA ARG A 17 2.57 -21.68 6.07
C ARG A 17 2.40 -20.61 5.00
N GLU A 18 1.25 -20.63 4.32
CA GLU A 18 0.99 -19.69 3.24
C GLU A 18 -0.45 -19.20 3.31
N ILE A 19 -0.64 -17.94 2.95
CA ILE A 19 -1.96 -17.33 2.96
C ILE A 19 -2.00 -16.17 1.98
N TYR A 20 -3.13 -15.99 1.31
CA TYR A 20 -3.33 -14.85 0.44
CA TYR A 20 -3.32 -14.84 0.43
C TYR A 20 -4.04 -13.73 1.19
N VAL A 21 -3.68 -12.49 0.88
CA VAL A 21 -4.31 -11.31 1.47
C VAL A 21 -4.58 -10.29 0.36
N ASN A 22 -5.66 -9.54 0.48
CA ASN A 22 -6.04 -8.62 -0.58
C ASN A 22 -5.32 -7.27 -0.51
N ASP A 23 -4.60 -7.04 0.59
CA ASP A 23 -3.96 -5.74 0.83
C ASP A 23 -2.84 -5.44 -0.16
N ARG A 24 -2.79 -4.19 -0.64
CA ARG A 24 -1.74 -3.76 -1.54
C ARG A 24 -0.71 -2.87 -0.84
N GLU A 25 -0.91 -2.67 0.47
CA GLU A 25 0.02 -1.91 1.30
C GLU A 25 0.70 -2.86 2.28
N LEU A 26 2.02 -2.92 2.24
CA LEU A 26 2.77 -3.93 3.00
C LEU A 26 2.43 -3.89 4.49
N LEU A 27 2.39 -2.70 5.07
CA LEU A 27 2.09 -2.57 6.49
C LEU A 27 0.74 -3.22 6.80
N ARG A 28 -0.24 -2.98 5.95
CA ARG A 28 -1.58 -3.52 6.15
C ARG A 28 -1.58 -5.03 6.00
N VAL A 29 -0.77 -5.55 5.08
CA VAL A 29 -0.59 -6.99 4.96
C VAL A 29 -0.13 -7.55 6.30
N LEU A 30 0.91 -6.94 6.85
CA LEU A 30 1.50 -7.43 8.10
C LEU A 30 0.54 -7.31 9.27
N VAL A 31 -0.24 -6.23 9.30
CA VAL A 31 -1.21 -6.03 10.37
C VAL A 31 -2.32 -7.08 10.30
N LYS A 32 -2.74 -7.43 9.09
CA LYS A 32 -3.78 -8.43 8.91
C LYS A 32 -3.28 -9.82 9.35
N ILE A 33 -2.03 -10.10 9.02
CA ILE A 33 -1.40 -11.36 9.41
C ILE A 33 -1.18 -11.41 10.92
N ASP A 34 -0.69 -10.31 11.47
CA ASP A 34 -0.22 -10.25 12.86
C ASP A 34 -1.28 -9.70 13.81
N SER A 35 -2.52 -9.62 13.34
CA SER A 35 -3.59 -8.89 14.00
C SER A 35 -3.68 -9.09 15.51
N LYS A 36 -4.08 -10.29 15.94
CA LYS A 36 -4.35 -10.53 17.35
C LYS A 36 -3.19 -11.25 18.05
N LYS A 37 -2.07 -11.39 17.35
CA LYS A 37 -0.96 -12.19 17.84
C LYS A 37 0.23 -11.34 18.28
N HIS A 38 0.54 -10.31 17.51
CA HIS A 38 1.69 -9.44 17.78
C HIS A 38 2.98 -10.25 17.85
N LEU A 39 3.16 -11.13 16.86
CA LEU A 39 4.35 -11.97 16.79
C LEU A 39 5.48 -11.30 16.01
N ILE A 40 5.13 -10.57 14.95
CA ILE A 40 6.14 -9.96 14.08
C ILE A 40 6.15 -8.44 14.13
N LEU A 41 5.10 -7.85 14.70
CA LEU A 41 5.03 -6.40 14.88
C LEU A 41 5.02 -6.01 16.35
N ASN A 42 5.80 -4.98 16.68
CA ASN A 42 5.71 -4.35 17.99
C ASN A 42 4.36 -3.64 18.11
N GLU A 43 4.06 -3.09 19.27
CA GLU A 43 2.81 -2.37 19.48
CA GLU A 43 2.81 -2.37 19.48
C GLU A 43 2.75 -1.15 18.58
N SER A 44 3.91 -0.64 18.20
CA SER A 44 3.99 0.53 17.31
C SER A 44 3.93 0.12 15.83
N ASN A 45 3.56 -1.14 15.58
CA ASN A 45 3.48 -1.69 14.23
C ASN A 45 4.82 -1.72 13.50
N GLN A 46 5.90 -1.38 14.19
CA GLN A 46 7.24 -1.52 13.63
C GLN A 46 7.64 -2.99 13.66
N LEU A 47 8.34 -3.43 12.63
CA LEU A 47 8.82 -4.80 12.56
CA LEU A 47 8.81 -4.80 12.55
C LEU A 47 9.77 -5.13 13.70
N LYS A 48 9.62 -6.33 14.27
CA LYS A 48 10.54 -6.77 15.31
C LYS A 48 11.89 -7.10 14.69
N SER A 49 12.94 -7.09 15.50
CA SER A 49 14.25 -7.47 15.01
C SER A 49 14.26 -8.97 14.73
N GLY A 50 15.17 -9.41 13.89
CA GLY A 50 15.29 -10.81 13.55
C GLY A 50 14.22 -11.27 12.58
N ILE A 51 13.49 -10.31 11.99
CA ILE A 51 12.53 -10.60 10.94
C ILE A 51 12.87 -9.85 9.67
N LEU A 52 12.99 -10.60 8.58
CA LEU A 52 13.25 -10.02 7.26
C LEU A 52 12.05 -10.28 6.37
N ILE A 53 11.81 -9.37 5.43
CA ILE A 53 10.72 -9.53 4.47
C ILE A 53 11.26 -9.44 3.05
N LEU A 54 10.96 -10.45 2.25
CA LEU A 54 11.27 -10.44 0.84
C LEU A 54 9.98 -10.23 0.05
N ILE A 55 10.04 -9.35 -0.94
CA ILE A 55 8.96 -9.20 -1.91
C ILE A 55 9.50 -9.66 -3.24
N ASN A 56 8.97 -10.76 -3.75
CA ASN A 56 9.46 -11.37 -4.98
C ASN A 56 10.96 -11.61 -4.92
N GLY A 57 11.45 -12.03 -3.76
CA GLY A 57 12.83 -12.42 -3.59
C GLY A 57 13.79 -11.31 -3.22
N LYS A 58 13.27 -10.08 -3.13
CA LYS A 58 14.10 -8.91 -2.83
C LYS A 58 13.69 -8.25 -1.53
N ASP A 59 14.66 -7.67 -0.82
CA ASP A 59 14.41 -7.00 0.46
C ASP A 59 13.34 -5.91 0.34
N TRP A 60 12.40 -5.94 1.27
CA TRP A 60 11.23 -5.07 1.23
C TRP A 60 11.56 -3.58 1.19
N ARG A 61 12.69 -3.20 1.79
CA ARG A 61 13.03 -1.79 1.90
C ARG A 61 13.40 -1.17 0.55
N LEU A 62 13.72 -2.01 -0.43
CA LEU A 62 14.00 -1.52 -1.78
C LEU A 62 12.76 -0.97 -2.46
N TYR A 63 11.58 -1.41 -1.99
CA TYR A 63 10.33 -1.11 -2.69
C TYR A 63 9.71 0.22 -2.28
N ARG A 64 10.18 0.78 -1.17
CA ARG A 64 9.77 2.13 -0.75
C ARG A 64 8.26 2.25 -0.56
N ASN A 65 7.64 1.21 -0.01
CA ASN A 65 6.21 1.21 0.25
C ASN A 65 5.39 1.55 -0.99
N GLN A 66 5.80 1.01 -2.14
CA GLN A 66 5.02 1.16 -3.36
C GLN A 66 3.86 0.17 -3.34
N LEU A 67 2.88 0.39 -4.22
CA LEU A 67 1.74 -0.51 -4.35
C LEU A 67 2.19 -1.93 -4.60
N LEU A 68 1.66 -2.86 -3.82
CA LEU A 68 1.87 -4.27 -4.09
C LEU A 68 0.93 -4.71 -5.20
N ASN A 69 1.41 -5.61 -6.05
CA ASN A 69 0.56 -6.19 -7.08
C ASN A 69 0.00 -7.52 -6.58
N ASP A 70 -1.20 -7.86 -7.04
CA ASP A 70 -1.93 -9.03 -6.55
C ASP A 70 -1.12 -10.32 -6.59
N ASN A 71 -0.18 -10.40 -7.53
CA ASN A 71 0.60 -11.62 -7.73
C ASN A 71 1.97 -11.58 -7.04
N ASP A 72 2.21 -10.58 -6.21
CA ASP A 72 3.46 -10.49 -5.46
C ASP A 72 3.56 -11.58 -4.41
N ILE A 73 4.78 -12.07 -4.18
CA ILE A 73 5.04 -13.07 -3.16
C ILE A 73 5.84 -12.45 -2.03
N ILE A 74 5.24 -12.45 -0.84
CA ILE A 74 5.86 -11.87 0.34
C ILE A 74 6.34 -12.97 1.28
N GLU A 75 7.65 -13.06 1.47
CA GLU A 75 8.23 -14.06 2.38
C GLU A 75 8.63 -13.39 3.68
N ILE A 76 8.13 -13.93 4.79
CA ILE A 76 8.50 -13.43 6.11
C ILE A 76 9.43 -14.44 6.77
N ILE A 77 10.67 -14.02 7.00
CA ILE A 77 11.76 -14.91 7.38
C ILE A 77 12.38 -14.50 8.71
N PRO A 78 12.34 -15.38 9.72
CA PRO A 78 13.06 -15.07 10.97
C PRO A 78 14.56 -15.42 10.88
N ILE A 79 15.40 -14.61 11.49
CA ILE A 79 16.84 -14.88 11.55
C ILE A 79 17.37 -14.74 12.96
N ASN A 80 18.54 -15.32 13.22
CA ASN A 80 19.19 -15.21 14.53
C ASN A 80 19.96 -13.89 14.66
N PRO B 2 5.00 10.95 -4.98
CA PRO B 2 4.43 11.44 -3.73
C PRO B 2 3.71 10.34 -2.95
N LYS B 3 3.27 10.67 -1.74
CA LYS B 3 2.45 9.77 -0.95
C LYS B 3 0.99 9.95 -1.34
N VAL B 4 0.24 8.85 -1.36
CA VAL B 4 -1.18 8.88 -1.67
C VAL B 4 -1.97 8.28 -0.52
N ILE B 5 -2.89 9.06 0.02
CA ILE B 5 -3.73 8.64 1.13
C ILE B 5 -5.19 8.58 0.69
N LEU B 6 -5.82 7.43 0.92
CA LEU B 6 -7.23 7.24 0.60
C LEU B 6 -8.10 7.43 1.84
N LYS B 7 -9.33 7.85 1.63
CA LYS B 7 -10.31 8.01 2.70
C LYS B 7 -11.62 7.34 2.32
N GLY B 8 -12.44 7.01 3.31
CA GLY B 8 -13.77 6.47 3.07
C GLY B 8 -13.73 5.10 2.40
N PRO B 9 -14.80 4.77 1.66
CA PRO B 9 -14.91 3.47 0.97
C PRO B 9 -13.78 3.18 -0.01
N LEU B 10 -13.05 4.20 -0.44
CA LEU B 10 -11.96 4.01 -1.40
C LEU B 10 -10.87 3.13 -0.82
N ILE B 11 -10.72 3.15 0.50
CA ILE B 11 -9.73 2.32 1.19
C ILE B 11 -10.04 0.85 0.93
N SER B 12 -11.29 0.47 1.13
CA SER B 12 -11.72 -0.91 0.93
C SER B 12 -11.71 -1.27 -0.55
N GLN B 13 -12.07 -0.31 -1.39
CA GLN B 13 -12.19 -0.56 -2.82
C GLN B 13 -10.83 -0.72 -3.51
N PHE B 14 -9.84 0.04 -3.03
CA PHE B 14 -8.50 -0.01 -3.62
C PHE B 14 -7.51 -0.83 -2.78
N ASN B 15 -7.97 -1.29 -1.62
CA ASN B 15 -7.18 -2.17 -0.76
C ASN B 15 -5.86 -1.57 -0.27
N PHE B 16 -5.86 -0.27 0.00
CA PHE B 16 -4.73 0.35 0.70
C PHE B 16 -5.18 1.66 1.33
N ARG B 17 -4.44 2.08 2.36
CA ARG B 17 -4.75 3.31 3.09
C ARG B 17 -3.77 4.40 2.73
N GLU B 18 -2.49 4.08 2.81
CA GLU B 18 -1.43 5.02 2.42
C GLU B 18 -0.33 4.29 1.66
N ILE B 19 0.12 4.90 0.57
CA ILE B 19 1.10 4.28 -0.32
C ILE B 19 1.98 5.35 -0.92
N TYR B 20 3.15 4.95 -1.40
CA TYR B 20 4.03 5.84 -2.14
C TYR B 20 3.98 5.50 -3.63
N VAL B 21 3.84 6.52 -4.46
CA VAL B 21 3.84 6.34 -5.91
C VAL B 21 4.98 7.16 -6.51
N ASN B 22 5.83 6.48 -7.28
CA ASN B 22 7.01 7.11 -7.87
C ASN B 22 6.67 7.72 -9.24
N ASP B 23 5.80 8.73 -9.22
CA ASP B 23 5.44 9.48 -10.42
C ASP B 23 5.31 10.96 -10.08
N ARG B 24 5.85 11.82 -10.93
CA ARG B 24 5.82 13.25 -10.67
C ARG B 24 4.57 13.91 -11.26
N GLU B 25 3.99 13.26 -12.27
CA GLU B 25 2.80 13.81 -12.93
C GLU B 25 1.54 13.29 -12.24
N LEU B 26 0.66 14.21 -11.87
CA LEU B 26 -0.55 13.85 -11.12
C LEU B 26 -1.41 12.84 -11.86
N LEU B 27 -1.61 13.05 -13.16
CA LEU B 27 -2.46 12.17 -13.94
C LEU B 27 -1.94 10.74 -13.92
N ARG B 28 -0.62 10.58 -14.10
CA ARG B 28 0.00 9.27 -14.07
C ARG B 28 -0.26 8.58 -12.73
N VAL B 29 -0.07 9.32 -11.63
CA VAL B 29 -0.32 8.78 -10.30
C VAL B 29 -1.72 8.22 -10.21
N LEU B 30 -2.71 9.01 -10.62
CA LEU B 30 -4.10 8.59 -10.52
C LEU B 30 -4.41 7.37 -11.38
N VAL B 31 -3.70 7.23 -12.50
CA VAL B 31 -3.86 6.05 -13.34
C VAL B 31 -3.36 4.80 -12.62
N LYS B 32 -2.18 4.89 -12.02
CA LYS B 32 -1.62 3.77 -11.26
CA LYS B 32 -1.61 3.78 -11.25
C LYS B 32 -2.57 3.36 -10.14
N ILE B 33 -3.08 4.35 -9.41
CA ILE B 33 -3.99 4.10 -8.32
C ILE B 33 -5.31 3.50 -8.83
N ASP B 34 -5.83 4.05 -9.92
CA ASP B 34 -7.15 3.65 -10.41
C ASP B 34 -7.21 2.19 -10.79
N SER B 35 -6.11 1.66 -11.31
CA SER B 35 -6.01 0.24 -11.66
C SER B 35 -7.14 -0.21 -12.59
N LYS B 36 -7.50 0.63 -13.55
CA LYS B 36 -8.52 0.31 -14.54
C LYS B 36 -9.90 0.01 -13.92
N LYS B 37 -10.08 0.36 -12.65
CA LYS B 37 -11.36 0.17 -11.98
C LYS B 37 -12.31 1.32 -12.31
N HIS B 38 -11.73 2.43 -12.76
CA HIS B 38 -12.50 3.60 -13.20
C HIS B 38 -13.41 4.14 -12.09
N LEU B 39 -12.87 4.21 -10.88
CA LEU B 39 -13.60 4.80 -9.75
C LEU B 39 -13.16 6.24 -9.53
N ILE B 40 -11.98 6.57 -10.03
CA ILE B 40 -11.40 7.91 -9.88
C ILE B 40 -11.28 8.60 -11.25
N LEU B 41 -11.17 7.79 -12.30
CA LEU B 41 -11.09 8.30 -13.67
C LEU B 41 -12.06 7.54 -14.58
N ASN B 42 -12.61 8.22 -15.59
CA ASN B 42 -13.41 7.53 -16.59
C ASN B 42 -12.48 6.93 -17.64
N GLU B 43 -13.06 6.34 -18.68
CA GLU B 43 -12.28 5.71 -19.72
C GLU B 43 -11.31 6.70 -20.38
N SER B 44 -11.72 7.96 -20.44
CA SER B 44 -10.92 9.00 -21.07
C SER B 44 -9.91 9.64 -20.09
N ASN B 45 -9.67 8.96 -18.98
CA ASN B 45 -8.78 9.46 -17.93
C ASN B 45 -9.16 10.86 -17.46
N GLN B 46 -10.46 11.11 -17.37
CA GLN B 46 -10.99 12.34 -16.78
C GLN B 46 -11.50 12.05 -15.38
N LEU B 47 -11.30 12.99 -14.47
CA LEU B 47 -11.70 12.81 -13.07
C LEU B 47 -13.20 12.58 -12.96
N LYS B 48 -13.58 11.51 -12.26
CA LYS B 48 -14.99 11.19 -12.06
C LYS B 48 -15.62 12.12 -11.04
N SER B 49 -16.94 12.23 -11.09
CA SER B 49 -17.68 13.05 -10.14
C SER B 49 -17.61 12.44 -8.74
N GLY B 50 -17.76 13.29 -7.73
CA GLY B 50 -17.79 12.82 -6.35
C GLY B 50 -16.42 12.42 -5.81
N ILE B 51 -15.37 12.78 -6.55
CA ILE B 51 -14.00 12.50 -6.13
C ILE B 51 -13.22 13.79 -5.90
N LEU B 52 -12.88 14.06 -4.65
CA LEU B 52 -12.09 15.21 -4.30
C LEU B 52 -10.62 14.82 -4.19
N ILE B 53 -9.76 15.51 -4.95
CA ILE B 53 -8.33 15.26 -4.91
C ILE B 53 -7.61 16.45 -4.30
N LEU B 54 -6.98 16.23 -3.15
CA LEU B 54 -6.21 17.26 -2.48
C LEU B 54 -4.72 17.00 -2.62
N ILE B 55 -3.96 18.08 -2.79
CA ILE B 55 -2.51 18.02 -2.76
C ILE B 55 -2.04 18.94 -1.65
N ASN B 56 -1.47 18.34 -0.60
CA ASN B 56 -1.04 19.08 0.58
C ASN B 56 -2.20 19.86 1.20
N GLY B 57 -3.37 19.22 1.29
CA GLY B 57 -4.52 19.79 1.96
C GLY B 57 -5.29 20.80 1.14
N LYS B 58 -4.87 21.02 -0.10
CA LYS B 58 -5.51 21.99 -0.98
C LYS B 58 -5.97 21.33 -2.27
N ASP B 59 -7.08 21.82 -2.82
CA ASP B 59 -7.62 21.31 -4.08
C ASP B 59 -6.54 21.27 -5.16
N TRP B 60 -6.47 20.15 -5.89
CA TRP B 60 -5.42 19.93 -6.87
C TRP B 60 -5.32 21.04 -7.92
N ARG B 61 -6.43 21.75 -8.15
CA ARG B 61 -6.49 22.77 -9.18
C ARG B 61 -5.55 23.96 -8.90
N LEU B 62 -4.99 24.01 -7.70
CA LEU B 62 -3.94 24.99 -7.38
C LEU B 62 -2.57 24.49 -7.83
N TYR B 63 -2.50 23.20 -8.17
CA TYR B 63 -1.27 22.57 -8.62
C TYR B 63 -1.42 22.08 -10.06
N ARG B 64 -2.18 22.82 -10.86
CA ARG B 64 -2.48 22.40 -12.23
C ARG B 64 -1.23 22.37 -13.10
N ASN B 65 -0.89 21.17 -13.58
CA ASN B 65 0.29 20.94 -14.41
C ASN B 65 1.58 21.43 -13.75
N GLN B 66 1.58 21.45 -12.42
CA GLN B 66 2.79 21.73 -11.65
C GLN B 66 3.33 20.42 -11.10
N LEU B 67 4.46 19.97 -11.65
CA LEU B 67 5.01 18.67 -11.34
C LEU B 67 5.25 18.47 -9.84
N LEU B 68 4.91 17.27 -9.37
CA LEU B 68 4.97 16.94 -7.96
C LEU B 68 6.35 16.46 -7.53
N ASN B 69 6.51 16.21 -6.23
CA ASN B 69 7.73 15.62 -5.70
C ASN B 69 7.40 14.66 -4.56
N ASP B 70 8.42 13.99 -4.03
CA ASP B 70 8.20 12.90 -3.08
C ASP B 70 7.51 13.33 -1.78
N ASN B 71 7.77 14.55 -1.33
CA ASN B 71 7.22 15.01 -0.05
C ASN B 71 5.76 15.46 -0.16
N ASP B 72 5.29 15.66 -1.39
CA ASP B 72 3.89 16.05 -1.61
C ASP B 72 2.96 14.92 -1.19
N ILE B 73 1.85 15.31 -0.56
CA ILE B 73 0.87 14.35 -0.08
C ILE B 73 -0.44 14.51 -0.85
N ILE B 74 -0.79 13.48 -1.59
CA ILE B 74 -2.06 13.45 -2.31
C ILE B 74 -3.11 12.74 -1.46
N GLU B 75 -4.26 13.38 -1.29
CA GLU B 75 -5.36 12.78 -0.54
C GLU B 75 -6.59 12.70 -1.44
N ILE B 76 -7.12 11.49 -1.58
CA ILE B 76 -8.26 11.23 -2.45
C ILE B 76 -9.47 10.93 -1.57
N ILE B 77 -10.50 11.75 -1.71
CA ILE B 77 -11.64 11.71 -0.80
C ILE B 77 -12.96 11.62 -1.58
N PRO B 78 -13.78 10.60 -1.26
CA PRO B 78 -15.10 10.50 -1.91
C PRO B 78 -16.12 11.43 -1.28
N ILE B 79 -16.74 12.29 -2.09
CA ILE B 79 -17.70 13.26 -1.58
C ILE B 79 -19.00 12.56 -1.16
#